data_8AU0
#
_entry.id   8AU0
#
_cell.length_a   31.313
_cell.length_b   35.986
_cell.length_c   46.095
_cell.angle_alpha   90.000
_cell.angle_beta   104.540
_cell.angle_gamma   90.000
#
_symmetry.space_group_name_H-M   'P 1 21 1'
#
loop_
_entity.id
_entity.type
_entity.pdbx_description
1 polymer 'SUN domain-containing protein 1'
2 water water
#
_entity_poly.entity_id   1
_entity_poly.type   'polypeptide(L)'
_entity_poly.pdbx_seq_one_letter_code
;GSMSGVEQQVASLSGQCHHHGENLRELTTLLQKLQARVDQME
;
_entity_poly.pdbx_strand_id   A,B,C
#
# COMPACT_ATOMS: atom_id res chain seq x y z
N SER A 2 -13.71 25.89 2.69
CA SER A 2 -14.82 25.38 3.48
C SER A 2 -14.35 24.32 4.47
N MET A 3 -14.55 24.60 5.76
CA MET A 3 -14.16 23.65 6.80
C MET A 3 -14.83 22.30 6.57
N SER A 4 -16.13 22.32 6.32
CA SER A 4 -16.86 21.07 6.07
C SER A 4 -16.30 20.35 4.85
N GLY A 5 -15.98 21.09 3.80
CA GLY A 5 -15.40 20.48 2.61
C GLY A 5 -14.10 19.76 2.89
N VAL A 6 -13.19 20.43 3.60
CA VAL A 6 -11.92 19.80 3.95
C VAL A 6 -12.15 18.59 4.85
N GLU A 7 -13.12 18.69 5.77
CA GLU A 7 -13.44 17.56 6.63
C GLU A 7 -13.89 16.35 5.82
N GLN A 8 -14.63 16.59 4.74
CA GLN A 8 -15.10 15.48 3.91
C GLN A 8 -13.97 14.90 3.07
N GLN A 9 -13.05 15.75 2.62
CA GLN A 9 -11.87 15.25 1.93
C GLN A 9 -11.02 14.37 2.84
N VAL A 10 -10.86 14.79 4.10
CA VAL A 10 -10.03 14.00 5.02
C VAL A 10 -10.70 12.68 5.35
N ALA A 11 -12.03 12.66 5.42
CA ALA A 11 -12.74 11.40 5.59
C ALA A 11 -12.58 10.51 4.36
N SER A 12 -12.53 11.11 3.18
CA SER A 12 -12.28 10.34 1.96
C SER A 12 -10.90 9.69 2.01
N LEU A 13 -9.87 10.49 2.28
CA LEU A 13 -8.52 9.96 2.38
C LEU A 13 -8.43 8.86 3.44
N SER A 14 -9.14 9.03 4.56
CA SER A 14 -9.14 8.00 5.59
C SER A 14 -9.71 6.69 5.05
N GLY A 15 -10.70 6.78 4.16
CA GLY A 15 -11.26 5.58 3.57
C GLY A 15 -10.31 4.92 2.58
N GLN A 16 -9.66 5.73 1.74
CA GLN A 16 -8.66 5.18 0.82
C GLN A 16 -7.49 4.57 1.58
N CYS A 17 -7.07 5.23 2.67
CA CYS A 17 -6.03 4.70 3.53
C CYS A 17 -6.39 3.31 4.03
N HIS A 18 -7.59 3.15 4.61
CA HIS A 18 -8.01 1.85 5.10
C HIS A 18 -8.09 0.82 3.99
N HIS A 19 -8.57 1.23 2.81
CA HIS A 19 -8.60 0.32 1.66
C HIS A 19 -7.20 -0.13 1.28
N HIS A 20 -6.25 0.81 1.22
CA HIS A 20 -4.85 0.45 0.98
C HIS A 20 -4.33 -0.52 2.03
N GLY A 21 -4.70 -0.31 3.29
CA GLY A 21 -4.29 -1.24 4.34
C GLY A 21 -4.87 -2.62 4.15
N GLU A 22 -6.10 -2.70 3.64
CA GLU A 22 -6.70 -3.98 3.34
C GLU A 22 -5.95 -4.68 2.20
N ASN A 23 -5.62 -3.93 1.14
CA ASN A 23 -4.89 -4.52 0.02
C ASN A 23 -3.52 -5.01 0.46
N LEU A 24 -2.85 -4.27 1.33
CA LEU A 24 -1.54 -4.68 1.82
C LEU A 24 -1.63 -6.01 2.56
N ARG A 25 -2.64 -6.16 3.42
CA ARG A 25 -2.80 -7.41 4.16
C ARG A 25 -3.10 -8.58 3.23
N GLU A 26 -3.92 -8.35 2.20
CA GLU A 26 -4.22 -9.40 1.24
C GLU A 26 -2.98 -9.80 0.45
N LEU A 27 -2.22 -8.82 -0.01
CA LEU A 27 -0.98 -9.10 -0.73
C LEU A 27 0.02 -9.81 0.16
N THR A 28 0.04 -9.47 1.45
CA THR A 28 0.95 -10.14 2.36
C THR A 28 0.59 -11.61 2.53
N THR A 29 -0.71 -11.91 2.64
CA THR A 29 -1.12 -13.31 2.81
C THR A 29 -0.85 -14.13 1.55
N LEU A 30 -1.06 -13.54 0.38
CA LEU A 30 -0.77 -14.25 -0.86
C LEU A 30 0.73 -14.49 -1.02
N LEU A 31 1.55 -13.52 -0.58
CA LEU A 31 2.99 -13.69 -0.66
C LEU A 31 3.46 -14.84 0.24
N GLN A 32 2.87 -14.95 1.43
CA GLN A 32 3.24 -16.03 2.35
C GLN A 32 2.85 -17.40 1.80
N LYS A 33 1.71 -17.47 1.10
CA LYS A 33 1.31 -18.74 0.51
C LYS A 33 2.21 -19.13 -0.64
N LEU A 34 2.59 -18.16 -1.48
CA LEU A 34 3.51 -18.46 -2.57
C LEU A 34 4.90 -18.81 -2.04
N GLN A 35 5.35 -18.11 -1.00
CA GLN A 35 6.65 -18.42 -0.41
C GLN A 35 6.66 -19.82 0.18
N ALA A 36 5.52 -20.24 0.77
CA ALA A 36 5.43 -21.60 1.28
C ALA A 36 5.40 -22.60 0.14
N ARG A 37 4.81 -22.23 -0.99
CA ARG A 37 4.79 -23.12 -2.15
C ARG A 37 6.18 -23.29 -2.73
N VAL A 38 7.01 -22.24 -2.67
CA VAL A 38 8.38 -22.34 -3.15
C VAL A 38 9.22 -23.18 -2.19
N ASP A 39 8.98 -23.03 -0.89
CA ASP A 39 9.71 -23.84 0.09
C ASP A 39 9.42 -25.32 -0.10
N GLN A 40 8.17 -25.67 -0.43
CA GLN A 40 7.80 -27.06 -0.57
C GLN A 40 8.45 -27.70 -1.79
N MET A 41 8.78 -26.90 -2.80
CA MET A 41 9.51 -27.39 -3.95
C MET A 41 10.98 -27.58 -3.60
N SER B 2 -4.97 29.59 7.00
CA SER B 2 -4.70 28.24 7.47
C SER B 2 -5.54 27.21 6.71
N MET B 3 -6.82 27.55 6.47
CA MET B 3 -7.71 26.63 5.76
C MET B 3 -7.12 26.25 4.40
N SER B 4 -6.43 27.18 3.75
CA SER B 4 -5.77 26.83 2.51
C SER B 4 -4.50 26.00 2.76
N GLY B 5 -3.76 26.33 3.84
CA GLY B 5 -2.63 25.49 4.21
C GLY B 5 -3.03 24.07 4.53
N VAL B 6 -4.19 23.90 5.16
CA VAL B 6 -4.71 22.55 5.43
C VAL B 6 -5.16 21.89 4.14
N GLU B 7 -5.75 22.66 3.22
CA GLU B 7 -6.15 22.09 1.94
C GLU B 7 -4.96 21.57 1.18
N GLN B 8 -3.78 22.12 1.44
CA GLN B 8 -2.61 21.68 0.70
C GLN B 8 -2.04 20.40 1.27
N GLN B 9 -1.91 20.33 2.60
CA GLN B 9 -1.47 19.09 3.24
C GLN B 9 -2.41 17.95 2.88
N VAL B 10 -3.72 18.20 2.90
CA VAL B 10 -4.70 17.23 2.41
C VAL B 10 -4.37 16.85 0.97
N ALA B 11 -3.87 17.81 0.17
CA ALA B 11 -3.53 17.52 -1.23
C ALA B 11 -2.24 16.72 -1.34
N SER B 12 -1.24 17.09 -0.54
CA SER B 12 -0.07 16.25 -0.35
C SER B 12 -0.47 14.81 -0.10
N LEU B 13 -1.23 14.59 0.98
CA LEU B 13 -1.64 13.23 1.34
C LEU B 13 -2.42 12.55 0.23
N SER B 14 -3.29 13.29 -0.44
CA SER B 14 -4.05 12.67 -1.52
C SER B 14 -3.12 12.18 -2.62
N GLY B 15 -2.05 12.91 -2.91
CA GLY B 15 -1.13 12.47 -3.94
C GLY B 15 -0.41 11.19 -3.54
N GLN B 16 -0.01 11.09 -2.28
CA GLN B 16 0.69 9.95 -1.76
C GLN B 16 -0.18 8.70 -1.73
N CYS B 17 -1.44 8.90 -1.38
CA CYS B 17 -2.38 7.81 -1.34
C CYS B 17 -2.46 7.19 -2.72
N HIS B 18 -2.50 8.07 -3.73
CA HIS B 18 -2.65 7.57 -5.10
C HIS B 18 -1.36 6.92 -5.62
N HIS B 19 -0.22 7.51 -5.32
CA HIS B 19 1.03 6.84 -5.59
C HIS B 19 1.06 5.46 -4.94
N HIS B 20 0.58 5.37 -3.69
CA HIS B 20 0.51 4.09 -2.98
C HIS B 20 -0.40 3.11 -3.70
N GLY B 21 -1.52 3.56 -4.22
CA GLY B 21 -2.36 2.68 -4.99
C GLY B 21 -1.66 2.14 -6.21
N GLU B 22 -0.92 2.99 -6.90
CA GLU B 22 -0.23 2.52 -8.09
C GLU B 22 0.88 1.55 -7.73
N ASN B 23 1.51 1.71 -6.56
CA ASN B 23 2.50 0.72 -6.15
C ASN B 23 1.84 -0.61 -5.76
N LEU B 24 0.66 -0.56 -5.16
CA LEU B 24 -0.09 -1.78 -4.86
C LEU B 24 -0.45 -2.55 -6.12
N ARG B 25 -1.00 -1.87 -7.12
CA ARG B 25 -1.29 -2.50 -8.40
C ARG B 25 -0.03 -3.10 -9.03
N GLU B 26 1.07 -2.35 -9.03
CA GLU B 26 2.34 -2.89 -9.50
C GLU B 26 2.71 -4.18 -8.78
N LEU B 27 2.65 -4.18 -7.46
CA LEU B 27 3.05 -5.39 -6.73
C LEU B 27 2.08 -6.53 -6.97
N THR B 28 0.77 -6.23 -7.05
CA THR B 28 -0.20 -7.29 -7.31
C THR B 28 0.17 -8.00 -8.60
N THR B 29 0.66 -7.26 -9.58
CA THR B 29 0.93 -7.80 -10.91
C THR B 29 2.15 -8.69 -10.89
N LEU B 30 3.22 -8.22 -10.26
CA LEU B 30 4.40 -9.05 -10.10
C LEU B 30 4.07 -10.32 -9.32
N LEU B 31 3.24 -10.20 -8.30
CA LEU B 31 2.84 -11.38 -7.55
C LEU B 31 2.06 -12.35 -8.43
N GLN B 32 1.20 -11.82 -9.30
CA GLN B 32 0.41 -12.69 -10.17
C GLN B 32 1.29 -13.36 -11.23
N LYS B 33 2.34 -12.69 -11.69
CA LYS B 33 3.24 -13.35 -12.62
C LYS B 33 4.09 -14.38 -11.91
N LEU B 34 4.51 -14.09 -10.68
CA LEU B 34 5.25 -15.11 -9.93
C LEU B 34 4.40 -16.33 -9.67
N GLN B 35 3.13 -16.13 -9.32
CA GLN B 35 2.21 -17.24 -9.05
C GLN B 35 2.13 -18.17 -10.24
N ALA B 36 2.03 -17.59 -11.44
CA ALA B 36 1.99 -18.36 -12.67
C ALA B 36 3.31 -19.08 -12.91
N ARG B 37 4.42 -18.35 -12.77
CA ARG B 37 5.75 -18.95 -12.91
C ARG B 37 5.91 -20.16 -12.00
N VAL B 38 5.58 -20.01 -10.71
CA VAL B 38 5.71 -21.12 -9.77
C VAL B 38 4.75 -22.26 -10.13
N ASP B 39 3.57 -21.93 -10.63
CA ASP B 39 2.63 -22.96 -11.06
C ASP B 39 3.21 -23.81 -12.18
N GLN B 40 4.03 -23.22 -13.07
CA GLN B 40 4.66 -23.96 -14.14
C GLN B 40 5.85 -24.79 -13.66
N MET B 41 6.36 -24.53 -12.46
CA MET B 41 7.45 -25.35 -11.94
C MET B 41 6.95 -26.58 -11.19
N GLU B 42 5.65 -26.65 -10.91
CA GLU B 42 5.03 -27.83 -10.31
C GLU B 42 4.34 -28.67 -11.38
N SER C 2 -12.86 23.36 14.62
CA SER C 2 -12.94 22.40 13.52
C SER C 2 -11.61 22.31 12.79
N MET C 3 -10.94 23.45 12.66
CA MET C 3 -9.64 23.49 12.01
C MET C 3 -8.64 22.59 12.73
N SER C 4 -8.59 22.69 14.06
CA SER C 4 -7.65 21.89 14.83
C SER C 4 -7.98 20.41 14.73
N GLY C 5 -9.26 20.06 14.63
CA GLY C 5 -9.64 18.67 14.46
C GLY C 5 -9.18 18.11 13.12
N VAL C 6 -9.21 18.93 12.07
CA VAL C 6 -8.71 18.50 10.78
C VAL C 6 -7.19 18.35 10.81
N GLU C 7 -6.50 19.27 11.49
CA GLU C 7 -5.05 19.19 11.60
C GLU C 7 -4.62 17.90 12.27
N GLN C 8 -5.33 17.48 13.31
CA GLN C 8 -4.96 16.28 14.06
C GLN C 8 -5.25 15.02 13.26
N GLN C 9 -6.33 15.02 12.49
CA GLN C 9 -6.64 13.85 11.68
C GLN C 9 -5.71 13.76 10.48
N VAL C 10 -5.28 14.91 9.94
CA VAL C 10 -4.29 14.89 8.86
C VAL C 10 -2.98 14.31 9.37
N ALA C 11 -2.58 14.66 10.59
CA ALA C 11 -1.39 14.07 11.19
C ALA C 11 -1.55 12.56 11.37
N SER C 12 -2.74 12.12 11.77
CA SER C 12 -3.01 10.69 11.90
C SER C 12 -2.91 10.00 10.55
N LEU C 13 -3.49 10.60 9.51
CA LEU C 13 -3.45 10.04 8.17
C LEU C 13 -2.01 9.98 7.65
N SER C 14 -1.19 10.97 8.00
CA SER C 14 0.20 10.98 7.54
C SER C 14 0.97 9.81 8.14
N GLY C 15 0.76 9.52 9.42
CA GLY C 15 1.43 8.39 10.04
C GLY C 15 1.03 7.06 9.44
N GLN C 16 -0.27 6.88 9.20
CA GLN C 16 -0.73 5.67 8.53
C GLN C 16 -0.19 5.61 7.11
N CYS C 17 -0.13 6.75 6.42
CA CYS C 17 0.43 6.79 5.08
C CYS C 17 1.90 6.38 5.08
N HIS C 18 2.66 6.86 6.07
CA HIS C 18 4.05 6.45 6.19
C HIS C 18 4.17 4.97 6.48
N HIS C 19 3.31 4.45 7.37
CA HIS C 19 3.37 3.03 7.71
C HIS C 19 3.07 2.16 6.50
N HIS C 20 2.10 2.58 5.68
CA HIS C 20 1.81 1.85 4.45
C HIS C 20 2.99 1.90 3.49
N GLY C 21 3.69 3.02 3.43
CA GLY C 21 4.84 3.13 2.55
C GLY C 21 5.97 2.20 2.96
N GLU C 22 6.20 2.08 4.27
CA GLU C 22 7.23 1.16 4.74
C GLU C 22 6.81 -0.29 4.52
N ASN C 23 5.52 -0.59 4.61
CA ASN C 23 5.06 -1.94 4.34
C ASN C 23 5.19 -2.27 2.86
N LEU C 24 4.95 -1.28 1.98
CA LEU C 24 5.13 -1.51 0.54
C LEU C 24 6.58 -1.82 0.22
N ARG C 25 7.51 -1.06 0.82
CA ARG C 25 8.92 -1.30 0.57
C ARG C 25 9.34 -2.69 1.03
N GLU C 26 8.85 -3.13 2.20
CA GLU C 26 9.20 -4.45 2.70
C GLU C 26 8.61 -5.55 1.82
N LEU C 27 7.36 -5.38 1.38
CA LEU C 27 6.76 -6.36 0.48
C LEU C 27 7.49 -6.39 -0.85
N THR C 28 7.96 -5.23 -1.32
CA THR C 28 8.75 -5.19 -2.55
C THR C 28 10.06 -5.96 -2.38
N THR C 29 10.71 -5.81 -1.22
CA THR C 29 11.94 -6.53 -0.97
C THR C 29 11.71 -8.04 -0.97
N LEU C 30 10.66 -8.49 -0.27
CA LEU C 30 10.39 -9.91 -0.19
C LEU C 30 10.02 -10.49 -1.56
N LEU C 31 9.28 -9.71 -2.36
CA LEU C 31 8.91 -10.18 -3.70
C LEU C 31 10.14 -10.32 -4.58
N GLN C 32 11.09 -9.39 -4.47
CA GLN C 32 12.30 -9.48 -5.27
C GLN C 32 13.16 -10.65 -4.83
N LYS C 33 13.18 -10.94 -3.53
CA LYS C 33 13.90 -12.12 -3.05
C LYS C 33 13.24 -13.40 -3.55
N LEU C 34 11.90 -13.42 -3.60
CA LEU C 34 11.20 -14.59 -4.08
C LEU C 34 11.39 -14.77 -5.58
N GLN C 35 11.47 -13.67 -6.33
CA GLN C 35 11.74 -13.76 -7.75
C GLN C 35 13.10 -14.39 -8.01
N ALA C 36 14.11 -14.01 -7.22
CA ALA C 36 15.45 -14.53 -7.43
C ALA C 36 15.52 -16.02 -7.09
N ARG C 37 14.85 -16.44 -6.02
CA ARG C 37 14.82 -17.85 -5.68
C ARG C 37 14.15 -18.68 -6.76
N VAL C 38 13.01 -18.21 -7.27
CA VAL C 38 12.30 -18.93 -8.33
C VAL C 38 13.17 -19.02 -9.57
N ASP C 39 13.86 -17.94 -9.93
CA ASP C 39 14.73 -17.96 -11.10
C ASP C 39 15.90 -18.90 -10.89
N GLN C 40 16.43 -18.96 -9.67
CA GLN C 40 17.52 -19.89 -9.38
C GLN C 40 17.04 -21.33 -9.41
N MET C 41 15.78 -21.59 -9.05
CA MET C 41 15.25 -22.93 -9.10
C MET C 41 14.95 -23.41 -10.52
N GLU C 42 14.79 -22.49 -11.48
CA GLU C 42 14.60 -22.88 -12.86
C GLU C 42 15.95 -23.25 -13.49
#